data_6LQX
#
_entry.id   6LQX
#
_cell.length_a   44.890
_cell.length_b   68.789
_cell.length_c   76.669
_cell.angle_alpha   90.000
_cell.angle_beta   91.748
_cell.angle_gamma   90.000
#
_symmetry.space_group_name_H-M   'P 1 21 1'
#
loop_
_entity.id
_entity.type
_entity.pdbx_description
1 polymer 'CREB-binding protein'
2 non-polymer '(1~{S},6~{R})-6-[(1-methoxycarbonyl-3,4-dihydro-2~{H}-quinolin-6-yl)carbamoyl]cyclohex-3-ene-1-carboxylic acid'
3 non-polymer 'SODIUM ION'
4 water water
#
_entity_poly.entity_id   1
_entity_poly.type   'polypeptide(L)'
_entity_poly.pdbx_seq_one_letter_code
;KKIFKPEELRQALMPTLEALYRQDPESLPFRQPVDPQLLGIPDYFDIVKNPMDLSTIKRKLDTGQYQEPWQYVDDVWLMF
NNAWLYNRKTSRVYKFCSKLAEVFEQEIDPVMQSL
;
_entity_poly.pdbx_strand_id   B,A,D,C
#
loop_
_chem_comp.id
_chem_comp.type
_chem_comp.name
_chem_comp.formula
EOO non-polymer '(1~{S},6~{R})-6-[(1-methoxycarbonyl-3,4-dihydro-2~{H}-quinolin-6-yl)carbamoyl]cyclohex-3-ene-1-carboxylic acid' 'C19 H22 N2 O5'
NA non-polymer 'SODIUM ION' 'Na 1'
#
# COMPACT_ATOMS: atom_id res chain seq x y z
N LYS A 1 -2.37 -41.52 -7.40
CA LYS A 1 -1.46 -40.46 -6.97
C LYS A 1 -0.70 -39.83 -8.15
N LYS A 2 -1.03 -38.57 -8.45
CA LYS A 2 -0.22 -37.81 -9.39
C LYS A 2 1.20 -37.68 -8.85
N ILE A 3 2.18 -37.71 -9.74
CA ILE A 3 3.56 -37.85 -9.28
C ILE A 3 4.44 -36.60 -9.51
N PHE A 4 4.02 -35.64 -10.34
CA PHE A 4 4.67 -34.31 -10.39
C PHE A 4 6.19 -34.34 -10.51
N LYS A 5 6.73 -34.10 -11.71
CA LYS A 5 8.15 -33.84 -11.81
C LYS A 5 8.44 -32.42 -11.33
N PRO A 6 9.71 -32.09 -11.05
CA PRO A 6 10.00 -30.82 -10.36
C PRO A 6 9.42 -29.58 -11.03
N GLU A 7 9.41 -29.54 -12.37
CA GLU A 7 8.90 -28.39 -13.09
C GLU A 7 7.38 -28.31 -13.03
N GLU A 8 6.70 -29.46 -13.21
CA GLU A 8 5.26 -29.50 -12.97
C GLU A 8 4.92 -28.99 -11.57
N LEU A 9 5.62 -29.50 -10.56
CA LEU A 9 5.31 -29.08 -9.21
C LEU A 9 5.43 -27.56 -9.06
N ARG A 10 6.47 -26.97 -9.66
CA ARG A 10 6.62 -25.52 -9.61
C ARG A 10 5.42 -24.82 -10.26
N GLN A 11 5.04 -25.25 -11.46
CA GLN A 11 3.97 -24.53 -12.13
C GLN A 11 2.60 -24.85 -11.55
N ALA A 12 2.47 -25.94 -10.81
CA ALA A 12 1.22 -26.20 -10.11
C ALA A 12 1.13 -25.39 -8.82
N LEU A 13 2.25 -25.20 -8.12
CA LEU A 13 2.29 -24.54 -6.82
C LEU A 13 2.62 -23.06 -6.88
N MET A 14 3.47 -22.66 -7.81
CA MET A 14 3.92 -21.28 -7.84
C MET A 14 2.77 -20.28 -7.90
N PRO A 15 1.67 -20.52 -8.63
CA PRO A 15 0.57 -19.55 -8.62
C PRO A 15 -0.12 -19.47 -7.27
N THR A 16 -0.16 -20.59 -6.54
CA THR A 16 -0.53 -20.56 -5.14
C THR A 16 0.20 -19.45 -4.39
N LEU A 17 1.54 -19.44 -4.52
CA LEU A 17 2.37 -18.56 -3.69
C LEU A 17 2.32 -17.12 -4.18
N GLU A 18 2.37 -16.90 -5.49
CA GLU A 18 2.12 -15.56 -6.02
C GLU A 18 0.78 -15.02 -5.53
N ALA A 19 -0.23 -15.89 -5.41
CA ALA A 19 -1.52 -15.41 -4.97
C ALA A 19 -1.43 -14.80 -3.57
N LEU A 20 -0.71 -15.46 -2.67
CA LEU A 20 -0.52 -14.89 -1.36
C LEU A 20 0.27 -13.60 -1.46
N TYR A 21 1.33 -13.59 -2.27
CA TYR A 21 2.28 -12.49 -2.29
C TYR A 21 1.66 -11.20 -2.80
N ARG A 22 0.70 -11.27 -3.71
CA ARG A 22 0.13 -10.01 -4.18
C ARG A 22 -0.98 -9.50 -3.27
N GLN A 23 -1.24 -10.17 -2.14
CA GLN A 23 -2.21 -9.64 -1.19
C GLN A 23 -1.61 -8.42 -0.52
N ASP A 24 -2.16 -7.26 -0.79
CA ASP A 24 -1.67 -6.01 -0.25
C ASP A 24 -2.81 -5.39 0.55
N PRO A 25 -2.62 -5.06 1.83
CA PRO A 25 -1.34 -5.11 2.55
C PRO A 25 -1.11 -6.37 3.40
N GLU A 26 -2.01 -7.35 3.28
CA GLU A 26 -2.01 -8.49 4.20
C GLU A 26 -0.72 -9.32 4.13
N SER A 27 -0.05 -9.35 2.99
CA SER A 27 1.14 -10.19 2.90
C SER A 27 2.39 -9.50 3.40
N LEU A 28 2.38 -8.17 3.55
CA LEU A 28 3.60 -7.45 3.86
C LEU A 28 4.31 -7.95 5.11
N PRO A 29 3.65 -8.20 6.23
CA PRO A 29 4.35 -8.71 7.41
C PRO A 29 4.81 -10.15 7.25
N PHE A 30 4.50 -10.78 6.12
CA PHE A 30 4.81 -12.18 5.86
C PHE A 30 5.87 -12.36 4.79
N ARG A 31 6.27 -11.29 4.11
CA ARG A 31 7.22 -11.40 3.01
C ARG A 31 8.62 -11.72 3.50
N GLN A 32 9.00 -11.23 4.66
CA GLN A 32 10.32 -11.50 5.18
C GLN A 32 10.23 -12.19 6.53
N PRO A 33 11.28 -12.87 6.96
CA PRO A 33 11.23 -13.57 8.25
C PRO A 33 11.05 -12.57 9.39
N VAL A 34 10.14 -12.91 10.31
CA VAL A 34 9.89 -12.06 11.47
C VAL A 34 11.25 -11.71 12.08
N ASP A 35 11.55 -10.40 12.16
CA ASP A 35 12.78 -9.92 12.80
C ASP A 35 12.47 -9.49 14.24
N PRO A 36 12.73 -10.33 15.24
CA PRO A 36 12.34 -9.95 16.61
C PRO A 36 13.18 -8.83 17.19
N GLN A 37 14.44 -8.69 16.81
CA GLN A 37 15.24 -7.54 17.23
C GLN A 37 14.67 -6.25 16.65
N LEU A 38 14.51 -6.19 15.33
CA LEU A 38 13.88 -5.04 14.69
C LEU A 38 12.59 -4.66 15.38
N LEU A 39 11.73 -5.65 15.67
CA LEU A 39 10.37 -5.42 16.11
C LEU A 39 10.22 -5.33 17.63
N GLY A 40 11.23 -5.66 18.41
CA GLY A 40 11.11 -5.55 19.84
C GLY A 40 10.29 -6.65 20.49
N ILE A 41 10.05 -7.76 19.79
CA ILE A 41 9.28 -8.86 20.36
C ILE A 41 10.19 -10.07 20.50
N PRO A 42 11.32 -9.97 21.22
CA PRO A 42 12.28 -11.08 21.21
C PRO A 42 11.83 -12.29 21.98
N ASP A 43 10.62 -12.28 22.50
CA ASP A 43 10.00 -13.51 22.94
C ASP A 43 9.22 -14.17 21.82
N TYR A 44 9.30 -13.61 20.60
CA TYR A 44 8.75 -14.30 19.44
C TYR A 44 9.32 -15.71 19.35
N PHE A 45 10.62 -15.85 19.57
CA PHE A 45 11.30 -17.13 19.42
C PHE A 45 11.05 -18.07 20.59
N ASP A 46 10.50 -17.58 21.70
CA ASP A 46 10.06 -18.47 22.77
C ASP A 46 8.72 -19.09 22.47
N ILE A 47 7.92 -18.44 21.63
CA ILE A 47 6.63 -18.97 21.25
C ILE A 47 6.69 -19.69 19.91
N VAL A 48 7.41 -19.12 18.95
CA VAL A 48 7.49 -19.66 17.60
C VAL A 48 8.85 -20.37 17.46
N LYS A 49 8.81 -21.70 17.57
CA LYS A 49 9.97 -22.59 17.56
C LYS A 49 10.49 -22.84 16.14
N ASN A 50 9.63 -22.86 15.12
CA ASN A 50 10.09 -23.01 13.74
C ASN A 50 9.45 -21.94 12.85
N PRO A 51 10.14 -20.82 12.65
CA PRO A 51 9.55 -19.72 11.88
C PRO A 51 9.42 -20.07 10.41
N MET A 52 8.50 -19.38 9.75
CA MET A 52 8.30 -19.60 8.32
C MET A 52 7.64 -18.36 7.73
N ASP A 53 8.01 -18.06 6.48
CA ASP A 53 7.56 -16.84 5.81
C ASP A 53 7.61 -17.06 4.31
N LEU A 54 7.08 -16.08 3.57
CA LEU A 54 6.98 -16.18 2.12
C LEU A 54 8.34 -16.33 1.46
N SER A 55 9.33 -15.55 1.91
CA SER A 55 10.64 -15.60 1.27
C SER A 55 11.29 -16.96 1.44
N THR A 56 11.12 -17.59 2.60
CA THR A 56 11.64 -18.92 2.81
C THR A 56 10.93 -19.93 1.90
N ILE A 57 9.60 -19.84 1.81
CA ILE A 57 8.85 -20.80 1.01
C ILE A 57 9.23 -20.65 -0.45
N LYS A 58 9.39 -19.41 -0.93
CA LYS A 58 9.80 -19.23 -2.32
C LYS A 58 11.19 -19.83 -2.57
N ARG A 59 12.12 -19.63 -1.62
CA ARG A 59 13.44 -20.23 -1.78
C ARG A 59 13.37 -21.75 -1.79
N LYS A 60 12.57 -22.36 -0.89
CA LYS A 60 12.46 -23.82 -0.86
C LYS A 60 11.86 -24.35 -2.16
N LEU A 61 10.89 -23.63 -2.73
CA LEU A 61 10.31 -24.03 -4.00
C LEU A 61 11.28 -23.79 -5.16
N ASP A 62 11.99 -22.66 -5.15
CA ASP A 62 12.90 -22.33 -6.24
C ASP A 62 14.11 -23.24 -6.31
N THR A 63 14.47 -23.88 -5.20
CA THR A 63 15.70 -24.67 -5.10
C THR A 63 15.41 -26.16 -4.96
N GLY A 64 14.21 -26.62 -5.36
CA GLY A 64 13.89 -28.04 -5.35
C GLY A 64 13.61 -28.66 -3.99
N GLN A 65 13.29 -27.87 -2.97
CA GLN A 65 13.14 -28.43 -1.63
C GLN A 65 11.81 -29.14 -1.41
N TYR A 66 10.87 -29.06 -2.33
CA TYR A 66 9.61 -29.77 -2.24
C TYR A 66 9.57 -30.81 -3.35
N GLN A 67 9.19 -32.05 -3.01
CA GLN A 67 8.94 -33.01 -4.06
C GLN A 67 7.45 -33.24 -4.31
N GLU A 68 6.63 -33.19 -3.28
CA GLU A 68 5.19 -33.40 -3.39
C GLU A 68 4.44 -32.21 -2.81
N PRO A 69 3.19 -32.01 -3.23
CA PRO A 69 2.47 -30.79 -2.78
C PRO A 69 2.30 -30.67 -1.28
N TRP A 70 2.01 -31.78 -0.58
CA TRP A 70 1.77 -31.72 0.86
C TRP A 70 2.93 -31.11 1.64
N GLN A 71 4.17 -31.24 1.15
CA GLN A 71 5.30 -30.64 1.87
C GLN A 71 5.27 -29.12 1.78
N TYR A 72 4.84 -28.58 0.64
CA TYR A 72 4.72 -27.13 0.50
C TYR A 72 3.53 -26.62 1.29
N VAL A 73 2.44 -27.39 1.32
CA VAL A 73 1.28 -27.06 2.14
C VAL A 73 1.68 -27.02 3.62
N ASP A 74 2.51 -27.97 4.05
CA ASP A 74 2.94 -28.01 5.45
C ASP A 74 3.58 -26.69 5.86
N ASP A 75 4.47 -26.17 5.01
CA ASP A 75 5.16 -24.92 5.29
C ASP A 75 4.21 -23.73 5.24
N VAL A 76 3.30 -23.71 4.27
CA VAL A 76 2.31 -22.64 4.23
C VAL A 76 1.48 -22.62 5.52
N TRP A 77 0.98 -23.80 5.93
CA TRP A 77 0.29 -23.87 7.22
C TRP A 77 1.18 -23.37 8.36
N LEU A 78 2.45 -23.76 8.34
CA LEU A 78 3.36 -23.42 9.44
C LEU A 78 3.52 -21.92 9.58
N MET A 79 3.54 -21.21 8.46
CA MET A 79 3.57 -19.75 8.49
C MET A 79 2.28 -19.19 9.11
N PHE A 80 1.13 -19.72 8.71
CA PHE A 80 -0.13 -19.25 9.28
C PHE A 80 -0.25 -19.64 10.74
N ASN A 81 0.12 -20.88 11.07
CA ASN A 81 0.07 -21.36 12.45
C ASN A 81 0.88 -20.45 13.36
N ASN A 82 2.11 -20.13 12.96
CA ASN A 82 2.96 -19.29 13.80
C ASN A 82 2.28 -17.96 14.09
N ALA A 83 1.67 -17.35 13.06
CA ALA A 83 1.11 -16.01 13.21
C ALA A 83 -0.16 -16.02 14.05
N TRP A 84 -0.99 -17.06 13.90
CA TRP A 84 -2.18 -17.19 14.75
C TRP A 84 -1.80 -17.37 16.22
N LEU A 85 -0.79 -18.19 16.48
CA LEU A 85 -0.32 -18.38 17.86
C LEU A 85 0.22 -17.08 18.44
N TYR A 86 1.29 -16.54 17.85
CA TYR A 86 1.96 -15.41 18.49
C TYR A 86 1.06 -14.18 18.56
N ASN A 87 0.35 -13.88 17.49
CA ASN A 87 -0.42 -12.65 17.48
C ASN A 87 -1.72 -12.84 18.27
N ARG A 88 -2.29 -11.72 18.71
CA ARG A 88 -3.59 -11.73 19.36
C ARG A 88 -4.69 -11.69 18.30
N LYS A 89 -5.78 -12.42 18.57
CA LYS A 89 -6.95 -12.46 17.69
C LYS A 89 -7.37 -11.08 17.23
N THR A 90 -6.99 -10.06 17.98
CA THR A 90 -7.41 -8.69 17.75
C THR A 90 -6.41 -7.90 16.92
N SER A 91 -5.23 -8.44 16.67
CA SER A 91 -4.20 -7.65 16.02
C SER A 91 -4.46 -7.53 14.52
N ARG A 92 -3.82 -6.53 13.92
CA ARG A 92 -3.81 -6.37 12.48
C ARG A 92 -3.21 -7.60 11.80
N VAL A 93 -2.07 -8.09 12.32
CA VAL A 93 -1.33 -9.16 11.66
C VAL A 93 -2.08 -10.48 11.75
N TYR A 94 -2.70 -10.75 12.89
CA TYR A 94 -3.54 -11.95 13.00
C TYR A 94 -4.67 -11.90 11.98
N LYS A 95 -5.30 -10.73 11.80
CA LYS A 95 -6.39 -10.62 10.83
C LYS A 95 -5.87 -10.72 9.40
N PHE A 96 -4.73 -10.09 9.11
CA PHE A 96 -3.99 -10.37 7.89
C PHE A 96 -3.83 -11.88 7.67
N CYS A 97 -3.34 -12.59 8.69
CA CYS A 97 -3.06 -14.01 8.54
C CYS A 97 -4.29 -14.77 8.03
N SER A 98 -5.47 -14.48 8.59
CA SER A 98 -6.66 -15.25 8.22
C SER A 98 -7.09 -14.91 6.79
N LYS A 99 -6.99 -13.64 6.40
CA LYS A 99 -7.24 -13.31 5.00
C LYS A 99 -6.34 -14.14 4.08
N LEU A 100 -5.06 -14.25 4.43
CA LEU A 100 -4.14 -15.04 3.62
C LEU A 100 -4.53 -16.52 3.62
N ALA A 101 -5.00 -17.04 4.76
CA ALA A 101 -5.51 -18.41 4.79
C ALA A 101 -6.65 -18.61 3.79
N GLU A 102 -7.59 -17.67 3.75
CA GLU A 102 -8.72 -17.78 2.84
C GLU A 102 -8.24 -17.88 1.42
N VAL A 103 -7.31 -16.99 1.07
CA VAL A 103 -6.78 -16.95 -0.29
C VAL A 103 -6.05 -18.25 -0.60
N PHE A 104 -5.15 -18.67 0.30
CA PHE A 104 -4.41 -19.89 0.03
C PHE A 104 -5.34 -21.08 -0.17
N GLU A 105 -6.39 -21.18 0.67
CA GLU A 105 -7.32 -22.31 0.57
C GLU A 105 -8.00 -22.33 -0.79
N GLN A 106 -8.45 -21.18 -1.28
CA GLN A 106 -9.09 -21.12 -2.59
C GLN A 106 -8.13 -21.54 -3.69
N GLU A 107 -6.88 -21.14 -3.59
CA GLU A 107 -5.93 -21.37 -4.66
C GLU A 107 -5.40 -22.80 -4.67
N ILE A 108 -5.24 -23.42 -3.51
CA ILE A 108 -4.62 -24.74 -3.47
C ILE A 108 -5.64 -25.85 -3.70
N ASP A 109 -6.93 -25.57 -3.46
CA ASP A 109 -7.97 -26.58 -3.64
C ASP A 109 -7.91 -27.25 -5.02
N PRO A 110 -7.82 -26.53 -6.13
CA PRO A 110 -7.68 -27.24 -7.42
C PRO A 110 -6.45 -28.13 -7.48
N VAL A 111 -5.36 -27.75 -6.80
CA VAL A 111 -4.18 -28.62 -6.75
C VAL A 111 -4.50 -29.89 -5.98
N MET A 112 -5.16 -29.76 -4.83
CA MET A 112 -5.46 -30.92 -4.01
C MET A 112 -6.46 -31.86 -4.69
N GLN A 113 -7.43 -31.30 -5.41
CA GLN A 113 -8.42 -32.08 -6.16
C GLN A 113 -7.83 -32.79 -7.36
N SER A 114 -6.59 -32.50 -7.73
CA SER A 114 -5.94 -33.13 -8.86
C SER A 114 -4.89 -34.16 -8.43
N LEU A 115 -5.05 -34.73 -7.24
CA LEU A 115 -4.03 -35.63 -6.75
C LEU A 115 -4.60 -36.70 -5.81
N LYS B 1 0.87 14.74 23.08
CA LYS B 1 -0.16 14.26 22.16
C LYS B 1 -1.32 13.62 22.89
N LYS B 2 -2.51 14.15 22.71
CA LYS B 2 -3.64 13.61 23.44
C LYS B 2 -3.94 12.20 22.96
N ILE B 3 -4.09 11.29 23.92
CA ILE B 3 -4.50 9.91 23.68
C ILE B 3 -5.86 9.74 24.31
N PHE B 4 -6.84 9.29 23.51
CA PHE B 4 -8.22 9.15 23.96
C PHE B 4 -8.49 7.69 24.36
N LYS B 5 -9.08 7.51 25.53
CA LYS B 5 -9.64 6.22 25.87
C LYS B 5 -10.99 6.08 25.17
N PRO B 6 -11.46 4.85 24.97
CA PRO B 6 -12.63 4.65 24.09
C PRO B 6 -13.84 5.50 24.48
N GLU B 7 -14.15 5.59 25.77
CA GLU B 7 -15.31 6.38 26.22
C GLU B 7 -15.05 7.87 26.06
N GLU B 8 -13.82 8.31 26.25
CA GLU B 8 -13.48 9.70 26.00
C GLU B 8 -13.70 10.04 24.54
N LEU B 9 -13.05 9.29 23.64
CA LEU B 9 -13.25 9.49 22.21
C LEU B 9 -14.72 9.61 21.87
N ARG B 10 -15.52 8.64 22.34
CA ARG B 10 -16.94 8.65 22.04
C ARG B 10 -17.60 9.92 22.56
N GLN B 11 -17.32 10.29 23.81
CA GLN B 11 -17.88 11.54 24.31
C GLN B 11 -17.45 12.73 23.48
N ALA B 12 -16.24 12.69 22.92
CA ALA B 12 -15.76 13.80 22.12
C ALA B 12 -16.38 13.80 20.71
N LEU B 13 -16.49 12.64 20.07
CA LEU B 13 -16.96 12.69 18.70
C LEU B 13 -18.48 12.67 18.60
N MET B 14 -19.17 12.10 19.59
CA MET B 14 -20.59 11.84 19.40
C MET B 14 -21.41 13.11 19.18
N PRO B 15 -21.16 14.23 19.87
CA PRO B 15 -21.94 15.43 19.57
C PRO B 15 -21.77 15.87 18.13
N THR B 16 -20.58 15.65 17.57
CA THR B 16 -20.36 15.90 16.15
C THR B 16 -21.34 15.10 15.30
N LEU B 17 -21.41 13.79 15.56
CA LEU B 17 -22.35 12.93 14.83
C LEU B 17 -23.80 13.37 15.05
N GLU B 18 -24.18 13.67 16.30
CA GLU B 18 -25.52 14.19 16.57
C GLU B 18 -25.83 15.41 15.72
N ALA B 19 -24.85 16.29 15.54
CA ALA B 19 -25.08 17.48 14.73
C ALA B 19 -25.37 17.12 13.27
N LEU B 20 -24.90 15.96 12.80
CA LEU B 20 -25.24 15.56 11.44
C LEU B 20 -26.66 14.98 11.38
N TYR B 21 -26.98 14.05 12.28
CA TYR B 21 -28.34 13.52 12.35
C TYR B 21 -29.34 14.64 12.52
N ARG B 22 -28.97 15.66 13.28
CA ARG B 22 -29.92 16.71 13.60
C ARG B 22 -30.45 17.44 12.38
N GLN B 23 -29.77 17.37 11.24
CA GLN B 23 -30.14 18.19 10.09
C GLN B 23 -31.33 17.58 9.37
N ASP B 24 -32.46 18.29 9.41
CA ASP B 24 -33.67 17.86 8.71
C ASP B 24 -34.04 18.95 7.72
N PRO B 25 -34.07 18.67 6.40
CA PRO B 25 -34.02 17.34 5.79
C PRO B 25 -32.66 16.85 5.30
N GLU B 26 -31.59 17.61 5.53
CA GLU B 26 -30.33 17.31 4.84
C GLU B 26 -29.75 15.96 5.26
N SER B 27 -29.97 15.54 6.50
CA SER B 27 -29.38 14.28 6.93
C SER B 27 -30.08 13.08 6.32
N LEU B 28 -31.29 13.26 5.80
CA LEU B 28 -32.17 12.11 5.57
C LEU B 28 -31.59 11.13 4.56
N PRO B 29 -31.10 11.55 3.39
CA PRO B 29 -30.52 10.56 2.45
C PRO B 29 -29.23 9.94 2.97
N PHE B 30 -28.65 10.42 4.06
CA PHE B 30 -27.39 9.88 4.58
C PHE B 30 -27.57 8.99 5.80
N ARG B 31 -28.80 8.83 6.31
CA ARG B 31 -28.98 8.12 7.56
C ARG B 31 -28.80 6.62 7.37
N GLN B 32 -29.14 6.13 6.18
CA GLN B 32 -29.08 4.73 5.79
C GLN B 32 -28.16 4.58 4.57
N PRO B 33 -27.53 3.42 4.40
CA PRO B 33 -26.63 3.26 3.25
C PRO B 33 -27.41 3.37 1.94
N VAL B 34 -26.75 3.91 0.92
CA VAL B 34 -27.42 4.09 -0.36
C VAL B 34 -27.92 2.74 -0.85
N ASP B 35 -29.16 2.70 -1.33
CA ASP B 35 -29.73 1.51 -1.95
C ASP B 35 -29.79 1.70 -3.47
N PRO B 36 -28.82 1.19 -4.24
CA PRO B 36 -28.87 1.42 -5.70
C PRO B 36 -30.02 0.70 -6.40
N GLN B 37 -30.48 -0.44 -5.86
CA GLN B 37 -31.60 -1.14 -6.50
C GLN B 37 -32.89 -0.36 -6.33
N LEU B 38 -33.16 0.14 -5.12
CA LEU B 38 -34.35 0.93 -4.87
C LEU B 38 -34.36 2.22 -5.70
N LEU B 39 -33.18 2.80 -5.92
CA LEU B 39 -33.10 4.08 -6.60
C LEU B 39 -33.08 3.95 -8.12
N GLY B 40 -32.81 2.75 -8.63
CA GLY B 40 -32.73 2.57 -10.05
C GLY B 40 -31.41 3.03 -10.63
N ILE B 41 -30.33 2.91 -9.87
CA ILE B 41 -29.06 3.43 -10.34
C ILE B 41 -27.97 2.39 -10.13
N PRO B 42 -27.89 1.37 -10.99
CA PRO B 42 -26.94 0.27 -10.76
C PRO B 42 -25.47 0.66 -10.88
N ASP B 43 -25.13 1.84 -11.41
CA ASP B 43 -23.73 2.22 -11.51
C ASP B 43 -23.17 2.73 -10.20
N TYR B 44 -24.00 2.89 -9.16
CA TYR B 44 -23.54 3.58 -7.96
C TYR B 44 -22.33 2.87 -7.36
N PHE B 45 -22.39 1.54 -7.22
CA PHE B 45 -21.28 0.82 -6.62
C PHE B 45 -20.07 0.77 -7.54
N ASP B 46 -20.28 0.93 -8.85
CA ASP B 46 -19.15 1.02 -9.78
C ASP B 46 -18.35 2.30 -9.57
N ILE B 47 -19.04 3.38 -9.21
CA ILE B 47 -18.44 4.69 -9.06
C ILE B 47 -18.02 4.94 -7.61
N VAL B 48 -18.84 4.49 -6.67
CA VAL B 48 -18.58 4.69 -5.25
C VAL B 48 -18.06 3.35 -4.74
N LYS B 49 -16.74 3.19 -4.74
CA LYS B 49 -16.14 1.91 -4.38
C LYS B 49 -16.30 1.60 -2.88
N ASN B 50 -16.36 2.60 -2.02
CA ASN B 50 -16.36 2.38 -0.57
C ASN B 50 -17.49 3.18 0.05
N PRO B 51 -18.71 2.62 0.05
CA PRO B 51 -19.86 3.37 0.58
C PRO B 51 -19.65 3.72 2.04
N MET B 52 -20.32 4.79 2.46
CA MET B 52 -20.32 5.17 3.86
C MET B 52 -21.53 6.05 4.10
N ASP B 53 -22.07 5.98 5.32
CA ASP B 53 -23.27 6.72 5.71
C ASP B 53 -23.29 6.87 7.24
N LEU B 54 -24.28 7.60 7.74
CA LEU B 54 -24.33 7.92 9.16
C LEU B 54 -24.47 6.66 10.01
N SER B 55 -25.29 5.69 9.56
CA SER B 55 -25.54 4.50 10.38
C SER B 55 -24.28 3.63 10.50
N THR B 56 -23.38 3.67 9.53
CA THR B 56 -22.12 2.96 9.66
C THR B 56 -21.16 3.68 10.61
N ILE B 57 -21.05 5.00 10.45
CA ILE B 57 -20.19 5.77 11.32
C ILE B 57 -20.63 5.58 12.77
N LYS B 58 -21.93 5.74 13.02
CA LYS B 58 -22.47 5.52 14.36
C LYS B 58 -22.07 4.14 14.89
N ARG B 59 -22.33 3.08 14.12
CA ARG B 59 -21.99 1.74 14.56
C ARG B 59 -20.51 1.63 14.91
N LYS B 60 -19.65 2.14 14.04
CA LYS B 60 -18.22 2.01 14.26
C LYS B 60 -17.77 2.78 15.50
N LEU B 61 -18.27 3.99 15.67
CA LEU B 61 -18.05 4.74 16.91
C LEU B 61 -18.51 3.94 18.12
N ASP B 62 -19.75 3.44 18.07
CA ASP B 62 -20.31 2.77 19.24
C ASP B 62 -19.48 1.56 19.63
N THR B 63 -18.88 0.90 18.64
CA THR B 63 -18.19 -0.37 18.85
C THR B 63 -16.67 -0.22 18.89
N GLY B 64 -16.18 0.96 19.28
CA GLY B 64 -14.74 1.13 19.51
C GLY B 64 -13.86 0.91 18.30
N GLN B 65 -14.36 1.18 17.09
CA GLN B 65 -13.56 0.96 15.90
C GLN B 65 -12.74 2.17 15.49
N TYR B 66 -13.04 3.36 15.99
CA TYR B 66 -12.14 4.49 15.88
C TYR B 66 -11.28 4.60 17.14
N GLN B 67 -9.99 4.83 16.97
CA GLN B 67 -9.05 5.04 18.08
C GLN B 67 -8.63 6.49 18.26
N GLU B 68 -8.61 7.26 17.17
CA GLU B 68 -8.11 8.62 17.14
C GLU B 68 -9.08 9.39 16.27
N PRO B 69 -9.38 10.62 16.63
CA PRO B 69 -10.41 11.39 15.90
C PRO B 69 -10.21 11.42 14.39
N TRP B 70 -8.96 11.39 13.91
CA TRP B 70 -8.74 11.47 12.47
C TRP B 70 -9.37 10.30 11.73
N GLN B 71 -9.44 9.12 12.35
CA GLN B 71 -10.09 8.01 11.66
C GLN B 71 -11.59 8.22 11.54
N TYR B 72 -12.22 8.80 12.56
CA TYR B 72 -13.63 9.14 12.45
C TYR B 72 -13.83 10.20 11.37
N VAL B 73 -12.92 11.17 11.33
CA VAL B 73 -13.01 12.24 10.35
C VAL B 73 -12.93 11.67 8.93
N ASP B 74 -12.01 10.72 8.72
CA ASP B 74 -11.86 10.13 7.38
C ASP B 74 -13.16 9.53 6.90
N ASP B 75 -13.91 8.92 7.81
CA ASP B 75 -15.16 8.27 7.43
C ASP B 75 -16.24 9.29 7.18
N VAL B 76 -16.27 10.36 7.98
CA VAL B 76 -17.20 11.44 7.66
C VAL B 76 -16.89 12.04 6.29
N TRP B 77 -15.60 12.32 6.01
CA TRP B 77 -15.24 12.86 4.69
C TRP B 77 -15.68 11.91 3.59
N LEU B 78 -15.36 10.62 3.75
CA LEU B 78 -15.66 9.62 2.73
C LEU B 78 -17.14 9.69 2.35
N MET B 79 -18.02 9.72 3.34
CA MET B 79 -19.45 9.84 3.07
C MET B 79 -19.75 11.09 2.26
N PHE B 80 -19.17 12.24 2.65
CA PHE B 80 -19.35 13.45 1.85
C PHE B 80 -18.70 13.31 0.47
N ASN B 81 -17.50 12.73 0.40
CA ASN B 81 -16.84 12.61 -0.90
C ASN B 81 -17.69 11.79 -1.87
N ASN B 82 -18.19 10.63 -1.43
CA ASN B 82 -19.03 9.80 -2.29
C ASN B 82 -20.23 10.57 -2.83
N ALA B 83 -20.83 11.41 -1.98
CA ALA B 83 -22.03 12.12 -2.38
C ALA B 83 -21.73 13.18 -3.42
N TRP B 84 -20.61 13.90 -3.25
CA TRP B 84 -20.20 14.95 -4.18
C TRP B 84 -19.81 14.36 -5.52
N LEU B 85 -19.14 13.21 -5.49
CA LEU B 85 -18.72 12.55 -6.71
C LEU B 85 -19.92 12.04 -7.51
N TYR B 86 -20.77 11.23 -6.85
CA TYR B 86 -21.81 10.53 -7.59
C TYR B 86 -22.90 11.49 -8.06
N ASN B 87 -23.19 12.53 -7.28
CA ASN B 87 -24.36 13.35 -7.55
C ASN B 87 -23.96 14.64 -8.25
N ARG B 88 -24.85 15.12 -9.12
CA ARG B 88 -24.63 16.39 -9.79
C ARG B 88 -24.53 17.53 -8.79
N LYS B 89 -23.73 18.53 -9.15
CA LYS B 89 -23.64 19.78 -8.37
C LYS B 89 -25.00 20.46 -8.23
N THR B 90 -25.92 20.22 -9.16
CA THR B 90 -27.26 20.76 -9.12
C THR B 90 -28.22 19.96 -8.25
N SER B 91 -27.84 18.74 -7.84
CA SER B 91 -28.84 17.82 -7.30
C SER B 91 -29.17 18.15 -5.85
N ARG B 92 -30.33 17.67 -5.42
CA ARG B 92 -30.74 17.84 -4.02
C ARG B 92 -29.73 17.21 -3.07
N VAL B 93 -29.34 15.95 -3.32
CA VAL B 93 -28.44 15.29 -2.39
C VAL B 93 -27.09 15.99 -2.36
N TYR B 94 -26.54 16.35 -3.52
CA TYR B 94 -25.30 17.13 -3.52
C TYR B 94 -25.44 18.35 -2.63
N LYS B 95 -26.52 19.14 -2.82
CA LYS B 95 -26.72 20.34 -2.02
C LYS B 95 -26.88 20.00 -0.54
N PHE B 96 -27.65 18.94 -0.22
CA PHE B 96 -27.69 18.44 1.15
C PHE B 96 -26.28 18.18 1.66
N CYS B 97 -25.50 17.37 0.94
CA CYS B 97 -24.15 17.01 1.37
C CYS B 97 -23.32 18.23 1.73
N SER B 98 -23.48 19.33 1.01
CA SER B 98 -22.64 20.49 1.31
C SER B 98 -23.10 21.21 2.57
N LYS B 99 -24.40 21.14 2.89
CA LYS B 99 -24.87 21.64 4.17
C LYS B 99 -24.29 20.84 5.33
N LEU B 100 -24.29 19.51 5.22
CA LEU B 100 -23.72 18.69 6.28
C LEU B 100 -22.23 18.98 6.47
N ALA B 101 -21.49 19.08 5.36
CA ALA B 101 -20.07 19.34 5.47
C ALA B 101 -19.82 20.63 6.22
N GLU B 102 -20.65 21.66 5.99
CA GLU B 102 -20.46 22.93 6.66
C GLU B 102 -20.82 22.84 8.14
N VAL B 103 -21.88 22.12 8.46
CA VAL B 103 -22.14 21.79 9.86
C VAL B 103 -20.99 20.99 10.45
N PHE B 104 -20.52 19.98 9.71
CA PHE B 104 -19.45 19.15 10.24
C PHE B 104 -18.19 19.96 10.50
N GLU B 105 -17.84 20.88 9.58
CA GLU B 105 -16.56 21.58 9.66
C GLU B 105 -16.46 22.42 10.94
N GLN B 106 -17.59 22.97 11.39
CA GLN B 106 -17.58 23.77 12.61
C GLN B 106 -17.71 22.92 13.86
N GLU B 107 -18.47 21.83 13.81
CA GLU B 107 -18.54 20.93 14.96
C GLU B 107 -17.22 20.22 15.19
N ILE B 108 -16.49 19.89 14.14
CA ILE B 108 -15.31 19.05 14.33
C ILE B 108 -14.11 19.86 14.84
N ASP B 109 -14.05 21.15 14.54
CA ASP B 109 -12.86 21.93 14.85
C ASP B 109 -12.61 22.04 16.35
N PRO B 110 -13.60 22.22 17.20
CA PRO B 110 -13.30 22.21 18.64
C PRO B 110 -12.69 20.90 19.12
N VAL B 111 -13.06 19.78 18.49
CA VAL B 111 -12.42 18.50 18.78
C VAL B 111 -10.96 18.54 18.34
N MET B 112 -10.71 18.87 17.07
CA MET B 112 -9.34 19.08 16.59
C MET B 112 -8.54 19.95 17.55
N GLN B 113 -9.11 21.06 17.99
CA GLN B 113 -8.41 22.01 18.84
C GLN B 113 -7.98 21.40 20.16
N SER B 114 -8.44 20.18 20.48
CA SER B 114 -8.21 19.57 21.78
C SER B 114 -7.13 18.49 21.75
N LEU B 115 -6.28 18.45 20.73
CA LEU B 115 -5.29 17.37 20.69
C LEU B 115 -3.88 17.85 20.37
N LYS C 2 -14.81 -2.18 -18.05
CA LYS C 2 -13.78 -1.26 -17.55
C LYS C 2 -12.64 -2.03 -16.85
N ILE C 3 -11.44 -2.03 -17.44
CA ILE C 3 -10.29 -2.63 -16.78
C ILE C 3 -9.11 -1.66 -16.77
N PHE C 4 -8.85 -1.01 -17.92
CA PHE C 4 -7.80 -0.01 -18.02
C PHE C 4 -6.42 -0.63 -17.95
N LYS C 5 -5.71 -0.65 -19.08
CA LYS C 5 -4.28 -0.83 -19.01
C LYS C 5 -3.66 0.43 -18.42
N PRO C 6 -2.47 0.31 -17.84
CA PRO C 6 -1.88 1.46 -17.14
C PRO C 6 -1.89 2.75 -17.93
N GLU C 7 -1.41 2.71 -19.18
CA GLU C 7 -1.44 3.91 -20.02
C GLU C 7 -2.86 4.34 -20.29
N GLU C 8 -3.78 3.38 -20.43
CA GLU C 8 -5.19 3.76 -20.53
C GLU C 8 -5.62 4.52 -19.30
N LEU C 9 -5.24 4.02 -18.11
CA LEU C 9 -5.60 4.69 -16.88
C LEU C 9 -4.97 6.08 -16.79
N ARG C 10 -3.72 6.20 -17.24
CA ARG C 10 -3.02 7.48 -17.14
C ARG C 10 -3.60 8.49 -18.13
N GLN C 11 -3.89 8.04 -19.35
CA GLN C 11 -4.51 8.91 -20.33
C GLN C 11 -5.94 9.29 -19.92
N ALA C 12 -6.63 8.45 -19.16
CA ALA C 12 -7.96 8.82 -18.69
C ALA C 12 -7.87 9.87 -17.58
N LEU C 13 -7.03 9.62 -16.59
CA LEU C 13 -6.98 10.47 -15.41
C LEU C 13 -6.10 11.71 -15.60
N MET C 14 -5.08 11.66 -16.47
CA MET C 14 -4.13 12.76 -16.51
C MET C 14 -4.77 14.08 -16.93
N PRO C 15 -5.71 14.12 -17.87
CA PRO C 15 -6.42 15.38 -18.14
C PRO C 15 -6.98 16.02 -16.88
N THR C 16 -7.61 15.25 -15.99
CA THR C 16 -8.20 15.83 -14.79
C THR C 16 -7.13 16.41 -13.88
N LEU C 17 -5.98 15.74 -13.77
CA LEU C 17 -4.89 16.31 -12.99
C LEU C 17 -4.41 17.62 -13.61
N GLU C 18 -4.32 17.67 -14.93
CA GLU C 18 -3.88 18.86 -15.63
C GLU C 18 -4.86 20.03 -15.44
N ALA C 19 -6.17 19.74 -15.43
CA ALA C 19 -7.14 20.81 -15.23
C ALA C 19 -7.01 21.45 -13.84
N LEU C 20 -6.62 20.67 -12.82
CA LEU C 20 -6.38 21.27 -11.52
C LEU C 20 -5.10 22.08 -11.51
N TYR C 21 -4.03 21.56 -12.13
CA TYR C 21 -2.77 22.30 -12.25
C TYR C 21 -2.94 23.65 -12.94
N ARG C 22 -3.78 23.73 -13.99
CA ARG C 22 -3.85 24.95 -14.78
C ARG C 22 -4.69 26.01 -14.13
N GLN C 23 -5.08 25.81 -12.89
CA GLN C 23 -5.96 26.74 -12.17
C GLN C 23 -5.12 27.81 -11.45
N ASP C 24 -5.20 29.06 -11.89
CA ASP C 24 -4.50 30.17 -11.23
C ASP C 24 -5.48 31.17 -10.66
N PRO C 25 -5.31 31.56 -9.39
CA PRO C 25 -4.20 31.07 -8.56
C PRO C 25 -4.56 29.90 -7.64
N GLU C 26 -5.77 29.35 -7.82
CA GLU C 26 -6.33 28.43 -6.83
C GLU C 26 -5.47 27.19 -6.62
N SER C 27 -4.74 26.72 -7.63
CA SER C 27 -3.97 25.52 -7.41
C SER C 27 -2.61 25.80 -6.79
N LEU C 28 -2.20 27.07 -6.70
CA LEU C 28 -0.84 27.39 -6.26
C LEU C 28 -0.50 26.80 -4.89
N PRO C 29 -1.34 26.90 -3.87
CA PRO C 29 -0.96 26.33 -2.57
C PRO C 29 -0.99 24.82 -2.55
N PHE C 30 -1.48 24.17 -3.61
CA PHE C 30 -1.58 22.72 -3.68
C PHE C 30 -0.51 22.05 -4.54
N ARG C 31 0.29 22.82 -5.30
CA ARG C 31 1.23 22.22 -6.24
C ARG C 31 2.38 21.49 -5.54
N GLN C 32 2.77 21.92 -4.34
CA GLN C 32 3.79 21.22 -3.58
C GLN C 32 3.24 20.85 -2.21
N PRO C 33 3.89 19.92 -1.52
CA PRO C 33 3.43 19.54 -0.16
C PRO C 33 3.52 20.72 0.79
N VAL C 34 2.52 20.81 1.68
CA VAL C 34 2.56 21.81 2.72
C VAL C 34 3.81 21.63 3.56
N ASP C 35 4.56 22.74 3.76
CA ASP C 35 5.70 22.77 4.65
C ASP C 35 5.30 23.49 5.92
N PRO C 36 4.90 22.79 6.97
CA PRO C 36 4.39 23.51 8.15
C PRO C 36 5.44 24.38 8.79
N GLN C 37 6.72 24.02 8.68
CA GLN C 37 7.72 24.89 9.28
C GLN C 37 7.96 26.14 8.44
N LEU C 38 8.05 25.98 7.12
CA LEU C 38 8.10 27.14 6.24
C LEU C 38 6.94 28.10 6.53
N LEU C 39 5.72 27.54 6.64
CA LEU C 39 4.48 28.31 6.80
C LEU C 39 4.21 28.77 8.24
N GLY C 40 4.97 28.31 9.22
CA GLY C 40 4.72 28.73 10.58
C GLY C 40 3.53 28.07 11.25
N ILE C 41 3.15 26.88 10.81
CA ILE C 41 1.97 26.20 11.33
C ILE C 41 2.33 24.82 11.86
N PRO C 42 3.04 24.73 12.99
CA PRO C 42 3.48 23.41 13.49
C PRO C 42 2.33 22.48 13.90
N ASP C 43 1.09 22.94 13.94
CA ASP C 43 -0.04 22.08 14.29
C ASP C 43 -0.76 21.56 13.04
N TYR C 44 -0.23 21.85 11.85
CA TYR C 44 -0.78 21.27 10.63
C TYR C 44 -0.83 19.75 10.73
N PHE C 45 0.25 19.14 11.20
CA PHE C 45 0.33 17.67 11.28
C PHE C 45 -0.32 17.09 12.52
N ASP C 46 -0.76 17.90 13.49
CA ASP C 46 -1.59 17.37 14.56
C ASP C 46 -2.99 17.12 14.05
N ILE C 47 -3.47 17.97 13.16
CA ILE C 47 -4.81 17.85 12.62
C ILE C 47 -4.83 17.04 11.33
N VAL C 48 -3.81 17.19 10.48
CA VAL C 48 -3.73 16.49 9.21
C VAL C 48 -2.82 15.28 9.38
N LYS C 49 -3.38 14.07 9.33
CA LYS C 49 -2.60 12.86 9.57
C LYS C 49 -1.96 12.33 8.30
N ASN C 50 -2.60 12.51 7.15
CA ASN C 50 -2.13 11.95 5.89
C ASN C 50 -2.10 13.05 4.85
N PRO C 51 -0.96 13.73 4.71
CA PRO C 51 -0.83 14.80 3.70
C PRO C 51 -0.98 14.29 2.28
N MET C 52 -1.39 15.21 1.40
CA MET C 52 -1.48 14.91 -0.03
C MET C 52 -1.47 16.21 -0.79
N ASP C 53 -0.86 16.20 -1.99
CA ASP C 53 -0.83 17.37 -2.86
C ASP C 53 -0.69 16.94 -4.31
N LEU C 54 -0.78 17.92 -5.21
CA LEU C 54 -0.80 17.62 -6.63
C LEU C 54 0.49 16.91 -7.08
N SER C 55 1.64 17.31 -6.54
CA SER C 55 2.90 16.71 -7.01
C SER C 55 3.01 15.24 -6.57
N THR C 56 2.45 14.89 -5.40
CA THR C 56 2.40 13.50 -4.98
C THR C 56 1.47 12.68 -5.88
N ILE C 57 0.25 13.18 -6.10
CA ILE C 57 -0.68 12.50 -6.98
C ILE C 57 -0.06 12.31 -8.35
N LYS C 58 0.55 13.38 -8.87
CA LYS C 58 1.21 13.35 -10.18
C LYS C 58 2.30 12.28 -10.21
N ARG C 59 3.11 12.20 -9.17
CA ARG C 59 4.14 11.17 -9.12
C ARG C 59 3.53 9.78 -9.11
N LYS C 60 2.60 9.51 -8.19
CA LYS C 60 1.97 8.20 -8.12
C LYS C 60 1.33 7.83 -9.46
N LEU C 61 0.58 8.76 -10.05
CA LEU C 61 -0.05 8.50 -11.35
C LEU C 61 0.99 8.13 -12.41
N ASP C 62 2.07 8.94 -12.52
CA ASP C 62 3.11 8.69 -13.53
C ASP C 62 3.81 7.36 -13.31
N THR C 63 3.98 6.95 -12.07
CA THR C 63 4.71 5.73 -11.75
C THR C 63 3.80 4.52 -11.68
N GLY C 64 2.54 4.67 -12.08
CA GLY C 64 1.60 3.57 -12.10
C GLY C 64 1.15 3.09 -10.75
N GLN C 65 1.15 3.98 -9.74
CA GLN C 65 0.68 3.58 -8.42
C GLN C 65 -0.83 3.40 -8.34
N TYR C 66 -1.58 3.82 -9.35
CA TYR C 66 -3.02 3.66 -9.34
C TYR C 66 -3.43 2.53 -10.28
N GLN C 67 -4.21 1.58 -9.76
CA GLN C 67 -4.72 0.50 -10.58
C GLN C 67 -6.09 0.81 -11.16
N GLU C 68 -6.94 1.45 -10.38
CA GLU C 68 -8.29 1.78 -10.80
C GLU C 68 -8.54 3.25 -10.50
N PRO C 69 -9.52 3.86 -11.17
CA PRO C 69 -9.79 5.29 -10.94
C PRO C 69 -10.10 5.65 -9.49
N TRP C 70 -10.74 4.76 -8.72
CA TRP C 70 -11.17 5.15 -7.39
C TRP C 70 -10.00 5.40 -6.45
N GLN C 71 -8.85 4.72 -6.64
CA GLN C 71 -7.72 4.99 -5.75
C GLN C 71 -7.12 6.37 -6.04
N TYR C 72 -7.21 6.80 -7.29
CA TYR C 72 -6.78 8.14 -7.64
C TYR C 72 -7.75 9.18 -7.07
N VAL C 73 -9.06 8.93 -7.18
CA VAL C 73 -10.04 9.84 -6.61
C VAL C 73 -9.88 9.92 -5.10
N ASP C 74 -9.47 8.84 -4.46
CA ASP C 74 -9.22 8.88 -3.03
C ASP C 74 -8.21 9.98 -2.71
N ASP C 75 -7.07 9.98 -3.40
CA ASP C 75 -6.01 10.93 -3.12
C ASP C 75 -6.41 12.35 -3.44
N VAL C 76 -7.18 12.55 -4.51
CA VAL C 76 -7.69 13.90 -4.81
C VAL C 76 -8.55 14.40 -3.66
N TRP C 77 -9.55 13.62 -3.25
CA TRP C 77 -10.40 14.03 -2.15
C TRP C 77 -9.57 14.31 -0.90
N LEU C 78 -8.66 13.40 -0.57
CA LEU C 78 -7.83 13.57 0.63
C LEU C 78 -7.17 14.95 0.65
N MET C 79 -6.49 15.31 -0.43
CA MET C 79 -5.88 16.64 -0.50
C MET C 79 -6.91 17.73 -0.20
N PHE C 80 -8.12 17.61 -0.77
CA PHE C 80 -9.19 18.56 -0.51
C PHE C 80 -9.65 18.48 0.94
N ASN C 81 -9.92 17.28 1.44
CA ASN C 81 -10.36 17.13 2.82
C ASN C 81 -9.39 17.76 3.80
N ASN C 82 -8.09 17.67 3.52
CA ASN C 82 -7.09 18.21 4.45
C ASN C 82 -7.13 19.73 4.48
N ALA C 83 -7.35 20.37 3.33
CA ALA C 83 -7.37 21.83 3.31
C ALA C 83 -8.68 22.37 3.87
N TRP C 84 -9.79 21.70 3.60
CA TRP C 84 -11.05 22.11 4.23
C TRP C 84 -10.98 21.96 5.74
N LEU C 85 -10.27 20.93 6.23
CA LEU C 85 -10.21 20.68 7.66
C LEU C 85 -9.31 21.68 8.37
N TYR C 86 -8.07 21.81 7.89
CA TYR C 86 -7.10 22.66 8.58
C TYR C 86 -7.45 24.15 8.48
N ASN C 87 -7.78 24.62 7.27
CA ASN C 87 -8.16 26.00 7.09
C ASN C 87 -9.62 26.22 7.48
N ARG C 88 -9.97 27.48 7.71
CA ARG C 88 -11.34 27.82 8.05
C ARG C 88 -12.04 28.35 6.80
N LYS C 89 -13.37 28.21 6.78
CA LYS C 89 -14.09 28.25 5.51
C LYS C 89 -13.99 29.57 4.78
N THR C 90 -13.53 30.64 5.41
CA THR C 90 -13.42 31.92 4.74
C THR C 90 -11.99 32.28 4.33
N SER C 91 -11.02 31.46 4.70
CA SER C 91 -9.62 31.69 4.34
C SER C 91 -9.41 31.59 2.84
N ARG C 92 -8.32 32.18 2.36
CA ARG C 92 -7.98 32.12 0.94
C ARG C 92 -7.83 30.66 0.48
N VAL C 93 -7.04 29.86 1.20
CA VAL C 93 -6.77 28.50 0.75
C VAL C 93 -8.07 27.68 0.71
N TYR C 94 -8.92 27.84 1.71
CA TYR C 94 -10.20 27.14 1.71
C TYR C 94 -11.01 27.45 0.44
N LYS C 95 -11.21 28.75 0.15
CA LYS C 95 -11.95 29.13 -1.05
C LYS C 95 -11.32 28.51 -2.30
N PHE C 96 -10.00 28.65 -2.42
CA PHE C 96 -9.23 28.00 -3.48
C PHE C 96 -9.56 26.52 -3.60
N CYS C 97 -9.59 25.81 -2.46
CA CYS C 97 -9.85 24.37 -2.43
C CYS C 97 -11.21 24.03 -3.01
N SER C 98 -12.24 24.75 -2.59
CA SER C 98 -13.58 24.46 -3.11
C SER C 98 -13.64 24.68 -4.61
N LYS C 99 -13.03 25.76 -5.10
CA LYS C 99 -12.90 25.94 -6.53
C LYS C 99 -12.30 24.70 -7.19
N LEU C 100 -11.20 24.18 -6.64
CA LEU C 100 -10.54 23.01 -7.20
C LEU C 100 -11.43 21.78 -7.15
N ALA C 101 -12.20 21.61 -6.07
CA ALA C 101 -13.08 20.45 -5.98
C ALA C 101 -14.13 20.44 -7.07
N GLU C 102 -14.67 21.62 -7.41
CA GLU C 102 -15.69 21.63 -8.44
C GLU C 102 -15.11 21.50 -9.83
N VAL C 103 -13.86 21.91 -10.04
CA VAL C 103 -13.20 21.60 -11.30
C VAL C 103 -12.92 20.11 -11.40
N PHE C 104 -12.59 19.47 -10.27
CA PHE C 104 -12.36 18.04 -10.27
C PHE C 104 -13.65 17.27 -10.52
N GLU C 105 -14.70 17.55 -9.74
CA GLU C 105 -15.98 16.88 -9.93
C GLU C 105 -16.40 16.85 -11.40
N GLN C 106 -16.20 17.96 -12.11
CA GLN C 106 -16.70 18.13 -13.48
C GLN C 106 -15.76 17.51 -14.50
N GLU C 107 -14.47 17.41 -14.19
CA GLU C 107 -13.49 16.72 -15.04
C GLU C 107 -13.57 15.21 -14.91
N ILE C 108 -13.91 14.72 -13.72
CA ILE C 108 -13.88 13.29 -13.43
C ILE C 108 -15.21 12.62 -13.72
N ASP C 109 -16.30 13.38 -13.81
CA ASP C 109 -17.62 12.84 -14.14
C ASP C 109 -17.61 11.96 -15.40
N PRO C 110 -17.05 12.39 -16.53
CA PRO C 110 -17.02 11.50 -17.69
C PRO C 110 -16.18 10.27 -17.46
N VAL C 111 -15.06 10.40 -16.76
CA VAL C 111 -14.25 9.22 -16.48
C VAL C 111 -15.07 8.20 -15.69
N MET C 112 -15.84 8.67 -14.71
CA MET C 112 -16.67 7.78 -13.90
C MET C 112 -17.76 7.11 -14.74
N GLN C 113 -18.41 7.88 -15.63
CA GLN C 113 -19.46 7.34 -16.48
C GLN C 113 -18.92 6.26 -17.40
N SER C 114 -17.69 6.41 -17.88
CA SER C 114 -17.13 5.41 -18.80
C SER C 114 -16.91 4.05 -18.14
N LEU C 115 -17.17 3.91 -16.84
CA LEU C 115 -17.00 2.63 -16.18
C LEU C 115 -18.35 2.12 -15.64
N LYS D 5 39.49 -8.59 9.63
CA LYS D 5 39.18 -10.02 9.79
C LYS D 5 37.90 -10.41 9.08
N PRO D 6 37.83 -11.66 8.61
CA PRO D 6 36.63 -12.13 7.92
C PRO D 6 35.31 -11.82 8.61
N GLU D 7 35.11 -12.23 9.86
CA GLU D 7 33.82 -11.91 10.49
C GLU D 7 33.64 -10.41 10.66
N GLU D 8 34.74 -9.66 10.82
CA GLU D 8 34.63 -8.22 10.87
C GLU D 8 34.09 -7.68 9.56
N LEU D 9 34.64 -8.14 8.44
CA LEU D 9 34.11 -7.77 7.13
C LEU D 9 32.67 -8.20 6.99
N ARG D 10 32.39 -9.47 7.29
CA ARG D 10 31.03 -9.98 7.14
C ARG D 10 30.05 -9.16 7.95
N GLN D 11 30.39 -8.82 9.20
CA GLN D 11 29.48 -8.02 9.98
C GLN D 11 29.28 -6.64 9.39
N ALA D 12 30.31 -6.07 8.76
CA ALA D 12 30.19 -4.73 8.19
C ALA D 12 29.42 -4.74 6.87
N LEU D 13 29.54 -5.81 6.08
CA LEU D 13 28.93 -5.92 4.76
C LEU D 13 27.55 -6.59 4.78
N MET D 14 27.36 -7.64 5.57
CA MET D 14 26.10 -8.38 5.52
C MET D 14 24.84 -7.52 5.62
N PRO D 15 24.77 -6.46 6.42
CA PRO D 15 23.53 -5.65 6.44
C PRO D 15 23.20 -5.00 5.11
N THR D 16 24.21 -4.45 4.45
CA THR D 16 24.23 -4.16 3.02
C THR D 16 23.43 -5.18 2.21
N LEU D 17 23.82 -6.45 2.29
CA LEU D 17 23.19 -7.49 1.50
C LEU D 17 21.75 -7.73 1.96
N GLU D 18 21.54 -7.86 3.28
CA GLU D 18 20.19 -7.97 3.83
C GLU D 18 19.28 -6.84 3.36
N ALA D 19 19.82 -5.61 3.29
CA ALA D 19 19.06 -4.51 2.71
C ALA D 19 18.60 -4.85 1.29
N LEU D 20 19.38 -5.63 0.56
CA LEU D 20 18.94 -6.00 -0.78
C LEU D 20 17.86 -7.07 -0.73
N TYR D 21 18.08 -8.16 0.01
CA TYR D 21 17.06 -9.18 0.13
C TYR D 21 15.71 -8.61 0.53
N ARG D 22 15.69 -7.68 1.49
CA ARG D 22 14.42 -7.30 2.10
C ARG D 22 13.57 -6.37 1.23
N GLN D 23 14.03 -6.02 0.04
CA GLN D 23 13.22 -5.21 -0.87
C GLN D 23 12.21 -6.11 -1.57
N ASP D 24 10.94 -5.98 -1.19
CA ASP D 24 9.83 -6.65 -1.86
C ASP D 24 9.05 -5.64 -2.67
N PRO D 25 8.82 -5.88 -3.97
CA PRO D 25 9.15 -7.09 -4.74
C PRO D 25 10.52 -7.11 -5.42
N GLU D 26 11.21 -5.96 -5.36
CA GLU D 26 12.27 -5.68 -6.33
C GLU D 26 13.37 -6.73 -6.34
N SER D 27 13.70 -7.33 -5.19
CA SER D 27 14.79 -8.30 -5.20
C SER D 27 14.36 -9.70 -5.63
N LEU D 28 13.06 -9.95 -5.82
CA LEU D 28 12.60 -11.31 -6.13
C LEU D 28 13.35 -11.99 -7.28
N PRO D 29 13.64 -11.32 -8.42
CA PRO D 29 14.38 -11.99 -9.48
C PRO D 29 15.88 -12.05 -9.27
N PHE D 30 16.40 -11.41 -8.22
CA PHE D 30 17.85 -11.40 -7.97
C PHE D 30 18.26 -12.39 -6.89
N ARG D 31 17.31 -13.11 -6.28
CA ARG D 31 17.63 -13.95 -5.12
C ARG D 31 18.25 -15.29 -5.51
N GLN D 32 17.89 -15.83 -6.67
CA GLN D 32 18.51 -17.02 -7.22
C GLN D 32 19.31 -16.69 -8.47
N PRO D 33 20.11 -17.62 -8.94
CA PRO D 33 20.78 -17.42 -10.23
C PRO D 33 19.78 -17.48 -11.37
N VAL D 34 20.05 -16.68 -12.40
CA VAL D 34 19.21 -16.73 -13.60
C VAL D 34 19.30 -18.11 -14.20
N ASP D 35 18.15 -18.71 -14.48
CA ASP D 35 18.08 -19.99 -15.17
C ASP D 35 17.58 -19.73 -16.59
N PRO D 36 18.48 -19.67 -17.58
CA PRO D 36 18.02 -19.32 -18.95
C PRO D 36 17.07 -20.34 -19.55
N GLN D 37 17.36 -21.64 -19.41
CA GLN D 37 16.43 -22.67 -19.86
C GLN D 37 15.07 -22.51 -19.19
N LEU D 38 15.02 -22.57 -17.85
CA LEU D 38 13.76 -22.45 -17.12
C LEU D 38 13.04 -21.14 -17.37
N LEU D 39 13.74 -20.08 -17.75
CA LEU D 39 13.07 -18.83 -18.02
C LEU D 39 12.84 -18.60 -19.50
N GLY D 40 13.21 -19.55 -20.35
CA GLY D 40 13.02 -19.38 -21.77
C GLY D 40 13.89 -18.34 -22.44
N ILE D 41 15.01 -17.96 -21.82
CA ILE D 41 15.89 -16.93 -22.37
C ILE D 41 17.22 -17.55 -22.83
N PRO D 42 17.25 -18.25 -23.95
CA PRO D 42 18.47 -19.00 -24.32
C PRO D 42 19.62 -18.12 -24.74
N ASP D 43 19.39 -16.85 -25.04
CA ASP D 43 20.49 -15.97 -25.37
C ASP D 43 21.13 -15.33 -24.14
N TYR D 44 20.71 -15.72 -22.94
CA TYR D 44 21.19 -15.04 -21.74
C TYR D 44 22.72 -15.10 -21.65
N PHE D 45 23.29 -16.29 -21.73
CA PHE D 45 24.73 -16.43 -21.53
C PHE D 45 25.52 -16.01 -22.76
N ASP D 46 24.84 -15.68 -23.86
CA ASP D 46 25.53 -15.09 -24.99
C ASP D 46 25.80 -13.61 -24.71
N ILE D 47 24.91 -12.97 -23.96
CA ILE D 47 25.08 -11.57 -23.65
C ILE D 47 25.77 -11.38 -22.30
N VAL D 48 25.43 -12.20 -21.31
CA VAL D 48 25.94 -12.07 -19.95
C VAL D 48 27.07 -13.08 -19.74
N LYS D 49 28.31 -12.59 -19.76
CA LYS D 49 29.44 -13.51 -19.69
C LYS D 49 29.59 -14.09 -18.28
N ASN D 50 29.44 -13.25 -17.26
CA ASN D 50 29.73 -13.67 -15.88
C ASN D 50 28.51 -13.37 -15.00
N PRO D 51 27.65 -14.35 -14.75
CA PRO D 51 26.45 -14.09 -13.95
C PRO D 51 26.76 -13.94 -12.48
N MET D 52 25.88 -13.21 -11.81
CA MET D 52 25.97 -12.93 -10.39
C MET D 52 24.56 -12.72 -9.87
N ASP D 53 24.34 -13.15 -8.63
CA ASP D 53 23.05 -13.02 -7.97
C ASP D 53 23.26 -12.98 -6.45
N LEU D 54 22.17 -12.72 -5.72
CA LEU D 54 22.25 -12.51 -4.27
C LEU D 54 22.68 -13.77 -3.54
N SER D 55 22.13 -14.93 -3.93
CA SER D 55 22.56 -16.18 -3.30
C SER D 55 24.06 -16.40 -3.46
N THR D 56 24.61 -16.04 -4.63
CA THR D 56 26.04 -16.27 -4.86
C THR D 56 26.88 -15.31 -4.04
N ILE D 57 26.48 -14.03 -4.01
CA ILE D 57 27.18 -13.04 -3.22
C ILE D 57 27.13 -13.42 -1.75
N LYS D 58 25.96 -13.85 -1.27
CA LYS D 58 25.85 -14.21 0.14
C LYS D 58 26.77 -15.38 0.47
N ARG D 59 26.78 -16.41 -0.40
CA ARG D 59 27.64 -17.56 -0.13
C ARG D 59 29.12 -17.17 -0.13
N LYS D 60 29.52 -16.28 -1.02
CA LYS D 60 30.93 -15.86 -1.01
C LYS D 60 31.24 -15.08 0.25
N LEU D 61 30.39 -14.12 0.61
CA LEU D 61 30.62 -13.34 1.82
C LEU D 61 30.63 -14.26 3.05
N ASP D 62 29.64 -15.16 3.14
CA ASP D 62 29.57 -16.07 4.29
C ASP D 62 30.80 -16.95 4.41
N THR D 63 31.51 -17.19 3.32
CA THR D 63 32.60 -18.14 3.34
C THR D 63 33.95 -17.48 3.07
N GLY D 64 34.09 -16.20 3.46
CA GLY D 64 35.38 -15.52 3.45
C GLY D 64 35.98 -15.24 2.09
N GLN D 65 35.20 -15.22 1.03
CA GLN D 65 35.80 -15.11 -0.28
C GLN D 65 36.10 -13.68 -0.70
N TYR D 66 35.56 -12.68 -0.01
CA TYR D 66 35.97 -11.30 -0.22
C TYR D 66 36.96 -10.96 0.89
N GLN D 67 38.22 -10.73 0.50
CA GLN D 67 39.19 -10.26 1.48
C GLN D 67 39.07 -8.76 1.70
N GLU D 68 38.42 -8.05 0.78
CA GLU D 68 38.36 -6.60 0.83
C GLU D 68 37.00 -6.11 0.37
N PRO D 69 36.48 -5.07 1.00
CA PRO D 69 35.16 -4.56 0.61
C PRO D 69 34.99 -4.35 -0.88
N TRP D 70 35.98 -3.77 -1.56
CA TRP D 70 35.77 -3.41 -2.96
C TRP D 70 35.47 -4.62 -3.83
N GLN D 71 36.04 -5.78 -3.49
CA GLN D 71 35.73 -7.01 -4.23
C GLN D 71 34.28 -7.43 -4.01
N TYR D 72 33.76 -7.20 -2.81
CA TYR D 72 32.34 -7.41 -2.58
C TYR D 72 31.52 -6.47 -3.46
N VAL D 73 31.88 -5.18 -3.47
CA VAL D 73 31.14 -4.20 -4.27
C VAL D 73 31.15 -4.60 -5.73
N ASP D 74 32.29 -5.08 -6.22
CA ASP D 74 32.37 -5.47 -7.62
C ASP D 74 31.29 -6.48 -7.99
N ASP D 75 31.07 -7.47 -7.12
CA ASP D 75 30.09 -8.51 -7.37
C ASP D 75 28.66 -7.97 -7.30
N VAL D 76 28.41 -6.99 -6.45
CA VAL D 76 27.08 -6.37 -6.44
C VAL D 76 26.86 -5.53 -7.69
N TRP D 77 27.89 -4.80 -8.14
CA TRP D 77 27.77 -4.05 -9.40
C TRP D 77 27.55 -5.01 -10.57
N LEU D 78 28.36 -6.07 -10.63
CA LEU D 78 28.18 -7.05 -11.71
C LEU D 78 26.74 -7.52 -11.79
N MET D 79 26.12 -7.76 -10.63
CA MET D 79 24.75 -8.24 -10.63
C MET D 79 23.81 -7.21 -11.24
N PHE D 80 23.99 -5.94 -10.88
CA PHE D 80 23.19 -4.88 -11.48
C PHE D 80 23.53 -4.70 -12.95
N ASN D 81 24.83 -4.67 -13.29
CA ASN D 81 25.23 -4.45 -14.67
C ASN D 81 24.64 -5.51 -15.59
N ASN D 82 24.74 -6.79 -15.19
CA ASN D 82 24.19 -7.86 -16.02
C ASN D 82 22.71 -7.61 -16.31
N ALA D 83 21.98 -7.14 -15.31
CA ALA D 83 20.53 -7.03 -15.45
C ALA D 83 20.13 -5.83 -16.30
N TRP D 84 20.81 -4.69 -16.11
CA TRP D 84 20.57 -3.52 -16.95
C TRP D 84 20.93 -3.83 -18.39
N LEU D 85 21.99 -4.60 -18.58
CA LEU D 85 22.39 -4.99 -19.92
C LEU D 85 21.32 -5.83 -20.57
N TYR D 86 21.05 -7.00 -19.98
CA TYR D 86 20.19 -7.96 -20.65
C TYR D 86 18.76 -7.46 -20.81
N ASN D 87 18.24 -6.76 -19.81
CA ASN D 87 16.82 -6.43 -19.82
C ASN D 87 16.56 -5.06 -20.42
N ARG D 88 15.36 -4.91 -20.97
CA ARG D 88 14.91 -3.64 -21.53
C ARG D 88 14.85 -2.60 -20.42
N LYS D 89 15.07 -1.35 -20.79
CA LYS D 89 14.90 -0.29 -19.81
C LYS D 89 13.46 -0.26 -19.28
N THR D 90 12.49 -0.71 -20.09
CA THR D 90 11.08 -0.65 -19.72
C THR D 90 10.63 -1.80 -18.84
N SER D 91 11.44 -2.84 -18.69
CA SER D 91 10.98 -4.11 -18.13
C SER D 91 10.98 -4.09 -16.61
N ARG D 92 10.34 -5.12 -16.06
CA ARG D 92 10.21 -5.25 -14.60
C ARG D 92 11.57 -5.43 -13.95
N VAL D 93 12.37 -6.36 -14.46
CA VAL D 93 13.65 -6.62 -13.82
C VAL D 93 14.51 -5.36 -13.83
N TYR D 94 14.52 -4.64 -14.97
CA TYR D 94 15.37 -3.46 -15.10
C TYR D 94 15.02 -2.40 -14.04
N LYS D 95 13.72 -2.23 -13.77
CA LYS D 95 13.33 -1.22 -12.79
C LYS D 95 13.53 -1.71 -11.36
N PHE D 96 13.25 -2.99 -11.11
CA PHE D 96 13.66 -3.58 -9.83
C PHE D 96 15.15 -3.32 -9.59
N CYS D 97 15.97 -3.64 -10.59
CA CYS D 97 17.41 -3.45 -10.50
C CYS D 97 17.76 -2.01 -10.15
N SER D 98 17.13 -1.05 -10.82
CA SER D 98 17.40 0.35 -10.50
C SER D 98 17.09 0.63 -9.05
N LYS D 99 15.97 0.10 -8.55
CA LYS D 99 15.61 0.29 -7.14
C LYS D 99 16.67 -0.29 -6.23
N LEU D 100 17.10 -1.53 -6.50
CA LEU D 100 18.12 -2.15 -5.65
C LEU D 100 19.42 -1.36 -5.68
N ALA D 101 19.79 -0.82 -6.85
CA ALA D 101 21.04 -0.07 -6.98
C ALA D 101 21.00 1.21 -6.15
N GLU D 102 19.83 1.85 -6.04
CA GLU D 102 19.75 3.00 -5.15
C GLU D 102 19.83 2.58 -3.69
N VAL D 103 19.10 1.52 -3.30
CA VAL D 103 19.21 0.98 -1.95
C VAL D 103 20.66 0.61 -1.63
N PHE D 104 21.37 0.03 -2.60
CA PHE D 104 22.75 -0.38 -2.33
C PHE D 104 23.70 0.81 -2.19
N GLU D 105 23.59 1.80 -3.06
CA GLU D 105 24.43 2.99 -2.91
C GLU D 105 24.21 3.65 -1.56
N GLN D 106 22.96 3.79 -1.15
CA GLN D 106 22.65 4.42 0.11
C GLN D 106 23.31 3.70 1.29
N GLU D 107 23.21 2.36 1.30
CA GLU D 107 23.75 1.59 2.42
C GLU D 107 25.27 1.42 2.35
N ILE D 108 25.82 1.25 1.14
CA ILE D 108 27.25 0.93 1.06
C ILE D 108 28.11 2.14 1.40
N ASP D 109 27.58 3.36 1.21
CA ASP D 109 28.42 4.56 1.33
C ASP D 109 28.94 4.76 2.76
N PRO D 110 28.10 4.91 3.77
CA PRO D 110 28.62 5.05 5.15
C PRO D 110 29.32 3.79 5.66
N VAL D 111 29.13 2.63 5.05
CA VAL D 111 29.85 1.45 5.50
C VAL D 111 31.30 1.50 5.03
N MET D 112 31.52 1.80 3.74
CA MET D 112 32.85 2.13 3.25
C MET D 112 33.54 3.15 4.13
N GLN D 113 32.80 4.19 4.53
CA GLN D 113 33.39 5.28 5.32
C GLN D 113 33.98 4.74 6.62
N SER D 114 33.15 4.10 7.45
CA SER D 114 33.70 3.69 8.75
C SER D 114 34.57 2.45 8.65
N LEU D 115 35.02 2.12 7.44
CA LEU D 115 35.67 0.85 7.18
C LEU D 115 36.97 1.01 6.38
C17 EOO E . 5.40 -3.29 8.81
C20 EOO E . 3.19 -2.37 7.97
C21 EOO E . 3.39 -2.91 6.75
C22 EOO E . 4.53 -3.84 6.50
C23 EOO E . 5.79 -3.45 7.29
C24 EOO E . 6.96 -4.50 7.07
C16 EOO E . 5.04 -4.71 9.34
C01 EOO E . 5.24 -9.10 12.45
C02 EOO E . 4.62 -7.89 12.86
C03 EOO E . 4.77 -6.66 12.23
C04 EOO E . 5.60 -6.52 11.09
C05 EOO E . 6.24 -7.71 10.67
C06 EOO E . 6.06 -8.95 11.31
C08 EOO E . 4.83 -10.24 14.67
C09 EOO E . 4.22 -8.90 15.12
C10 EOO E . 3.71 -7.95 14.02
C11 EOO E . 4.39 -11.45 12.54
C14 EOO E . 4.14 -12.55 10.36
C19 EOO E . 4.29 -2.24 8.98
N07 EOO E . 4.98 -10.35 13.21
N15 EOO E . 5.79 -5.25 10.48
O12 EOO E . 4.25 -11.35 11.15
O13 EOO E . 4.00 -12.47 13.09
O18 EOO E . 4.16 -5.36 8.84
O25 EOO E . 7.64 -4.82 8.11
O26 EOO E . 7.14 -4.95 5.92
H171 EOO E . 6.18 -2.94 9.25
H201 EOO E . 2.35 -2.05 8.20
H211 EOO E . 2.82 -2.70 6.05
H222 EOO E . 4.24 -4.75 6.69
H221 EOO E . 4.70 -3.88 5.54
H231 EOO E . 6.18 -2.63 6.97
H031 EOO E . 4.33 -5.92 12.56
H051 EOO E . 6.80 -7.61 9.93
H061 EOO E . 6.51 -9.68 10.94
H081 EOO E . 5.68 -10.37 15.13
H082 EOO E . 4.31 -10.98 15.03
H092 EOO E . 4.86 -8.43 15.68
H091 EOO E . 3.49 -9.09 15.74
H101 EOO E . 3.59 -7.04 14.33
H102 EOO E . 2.83 -8.18 13.69
H142 EOO E . 4.37 -12.41 9.43
H141 EOO E . 3.25 -12.92 10.36
H143 EOO E . 4.72 -13.26 10.68
H191 EOO E . 4.60 -1.33 8.96
H192 EOO E . 3.87 -2.27 9.86
H151 EOO E . 6.22 -4.68 11.02
NA NA F . -9.27 -19.83 13.05
NA NA G . -8.87 -19.44 7.68
NA NA H . -17.29 21.21 -2.89
NA NA I . -17.69 22.13 1.22
NA NA J . 21.10 2.65 -14.92
NA NA K . 22.36 3.74 -9.98
#